data_9MH2
#
_entry.id   9MH2
#
_cell.length_a   93.033
_cell.length_b   93.033
_cell.length_c   130.449
_cell.angle_alpha   90.00
_cell.angle_beta   90.00
_cell.angle_gamma   120.00
#
_symmetry.space_group_name_H-M   'H 3 2'
#
loop_
_entity.id
_entity.type
_entity.pdbx_description
1 polymer 'Purine nucleoside phosphorylase, putative'
2 non-polymer GLYCINE
3 non-polymer 'CHLORIDE ION'
4 non-polymer ADENOSINE
5 water water
#
_entity_poly.entity_id   1
_entity_poly.type   'polypeptide(L)'
_entity_poly.pdbx_seq_one_letter_code
;MAHHHHHHMATPHNSAKVGDFAETVLMCGDPLRAKLIADNYLENAKQVNSVRGMLGFTGTYKGKPLSVMGHGMGIPSISI
YAEELYNVYKVKTIIRVGTCGTVDPNVHVRDVCIVTASGTDSNVNRMRLLGHDFPATANFEVVSALVESAKALNIPTQVG
KAYSTDIFYSKEQGLNEALAQYHFIAVEMESAGLFPIADYYGARAGCICTVSDHIITHESATPEERQTSFQNMIKIALEA
TLKL
;
_entity_poly.pdbx_strand_id   A
#
loop_
_chem_comp.id
_chem_comp.type
_chem_comp.name
_chem_comp.formula
ADN non-polymer ADENOSINE 'C10 H13 N5 O4'
CL non-polymer 'CHLORIDE ION' 'Cl -1'
#
# COMPACT_ATOMS: atom_id res chain seq x y z
N HIS A 6 3.85 30.87 -6.80
CA HIS A 6 2.72 30.12 -7.44
C HIS A 6 3.23 29.23 -8.56
N HIS A 7 2.85 27.96 -8.52
CA HIS A 7 3.18 26.98 -9.54
C HIS A 7 1.91 26.42 -10.12
N HIS A 8 1.97 25.96 -11.37
CA HIS A 8 0.79 25.38 -12.00
C HIS A 8 0.42 24.08 -11.32
N MET A 9 -0.88 23.86 -11.14
CA MET A 9 -1.40 22.69 -10.44
C MET A 9 -2.08 21.77 -11.46
N ALA A 10 -1.45 20.62 -11.72
CA ALA A 10 -2.08 19.65 -12.61
C ALA A 10 -3.29 18.99 -11.95
N THR A 11 -3.31 18.92 -10.61
CA THR A 11 -4.49 18.51 -9.87
C THR A 11 -4.59 19.44 -8.66
N PRO A 12 -5.70 19.44 -7.93
CA PRO A 12 -5.79 20.26 -6.73
C PRO A 12 -4.85 19.82 -5.62
N HIS A 13 -4.26 18.63 -5.72
CA HIS A 13 -3.55 18.01 -4.62
C HIS A 13 -2.11 17.65 -4.98
N ASN A 14 -1.64 18.04 -6.16
CA ASN A 14 -0.35 17.57 -6.63
C ASN A 14 0.22 18.60 -7.60
N SER A 15 1.41 19.08 -7.30
CA SER A 15 2.07 20.09 -8.12
C SER A 15 2.97 19.48 -9.18
N ALA A 16 3.10 18.16 -9.18
CA ALA A 16 3.90 17.48 -10.19
C ALA A 16 3.38 17.80 -11.58
N LYS A 17 4.30 18.02 -12.50
CA LYS A 17 3.93 18.17 -13.89
C LYS A 17 3.55 16.81 -14.47
N VAL A 18 2.66 16.84 -15.44
CA VAL A 18 2.37 15.62 -16.18
C VAL A 18 3.67 15.06 -16.74
N GLY A 19 3.87 13.75 -16.60
CA GLY A 19 5.10 13.08 -16.96
C GLY A 19 6.11 12.96 -15.85
N ASP A 20 5.93 13.67 -14.73
CA ASP A 20 6.88 13.67 -13.63
C ASP A 20 6.81 12.43 -12.77
N PHE A 21 5.78 11.59 -12.92
CA PHE A 21 5.71 10.31 -12.23
C PHE A 21 6.08 9.19 -13.18
N ALA A 22 6.85 8.23 -12.67
CA ALA A 22 7.11 7.00 -13.40
C ALA A 22 5.82 6.20 -13.52
N GLU A 23 5.86 5.19 -14.40
CA GLU A 23 4.70 4.33 -14.57
C GLU A 23 4.48 3.41 -13.38
N THR A 24 5.48 3.21 -12.55
CA THR A 24 5.38 2.40 -11.34
C THR A 24 5.60 3.30 -10.14
N VAL A 25 4.72 3.17 -9.15
CA VAL A 25 4.75 4.03 -7.96
C VAL A 25 4.57 3.16 -6.72
N LEU A 26 5.41 3.38 -5.71
CA LEU A 26 5.18 2.89 -4.36
C LEU A 26 4.50 4.00 -3.58
N MET A 27 3.49 3.64 -2.78
CA MET A 27 2.83 4.60 -1.93
CA MET A 27 2.84 4.61 -1.93
C MET A 27 2.75 4.09 -0.50
N CYS A 28 3.03 4.97 0.46
CA CYS A 28 2.89 4.67 1.86
C CYS A 28 2.09 5.81 2.48
N GLY A 29 1.51 5.58 3.64
CA GLY A 29 0.67 6.63 4.23
C GLY A 29 1.48 7.84 4.68
N ASP A 30 2.66 7.61 5.25
CA ASP A 30 3.42 8.68 5.88
C ASP A 30 4.32 9.34 4.84
N PRO A 31 4.12 10.62 4.50
CA PRO A 31 5.01 11.26 3.52
C PRO A 31 6.46 11.30 3.96
N LEU A 32 6.72 11.33 5.26
CA LEU A 32 8.09 11.31 5.73
C LEU A 32 8.74 9.97 5.44
N ARG A 33 7.96 8.89 5.41
CA ARG A 33 8.49 7.60 5.01
C ARG A 33 8.74 7.55 3.51
N ALA A 34 7.90 8.23 2.71
CA ALA A 34 8.19 8.35 1.28
C ALA A 34 9.54 9.02 1.07
N LYS A 35 9.83 10.09 1.82
CA LYS A 35 11.13 10.73 1.70
C LYS A 35 12.26 9.77 2.09
N LEU A 36 12.08 9.01 3.17
CA LEU A 36 13.10 8.04 3.55
C LEU A 36 13.35 7.02 2.44
N ILE A 37 12.29 6.53 1.81
CA ILE A 37 12.45 5.55 0.73
C ILE A 37 13.23 6.17 -0.41
N ALA A 38 12.85 7.39 -0.80
CA ALA A 38 13.53 8.06 -1.90
C ALA A 38 15.00 8.28 -1.58
N ASP A 39 15.28 8.76 -0.37
CA ASP A 39 16.65 9.11 0.02
C ASP A 39 17.54 7.89 0.10
N ASN A 40 16.99 6.72 0.41
CA ASN A 40 17.82 5.57 0.71
C ASN A 40 17.79 4.49 -0.35
N TYR A 41 16.83 4.51 -1.27
CA TYR A 41 16.71 3.46 -2.27
C TYR A 41 16.63 3.95 -3.70
N LEU A 42 16.32 5.22 -3.95
CA LEU A 42 16.22 5.73 -5.30
C LEU A 42 17.51 6.43 -5.72
N GLU A 43 17.82 6.33 -7.00
CA GLU A 43 18.82 7.19 -7.63
C GLU A 43 18.12 8.15 -8.58
N ASN A 44 18.86 9.13 -9.06
CA ASN A 44 18.31 10.10 -10.00
C ASN A 44 17.05 10.77 -9.46
N ALA A 45 16.99 10.93 -8.13
CA ALA A 45 15.74 11.27 -7.46
C ALA A 45 15.52 12.77 -7.42
N LYS A 46 14.27 13.16 -7.60
CA LYS A 46 13.86 14.53 -7.37
C LYS A 46 12.48 14.54 -6.74
N GLN A 47 12.25 15.55 -5.92
CA GLN A 47 10.94 15.77 -5.36
C GLN A 47 10.03 16.39 -6.41
N VAL A 48 8.85 15.80 -6.57
CA VAL A 48 7.90 16.25 -7.58
C VAL A 48 6.60 16.77 -7.00
N ASN A 49 6.32 16.52 -5.72
CA ASN A 49 5.16 17.10 -5.09
C ASN A 49 5.45 17.49 -3.65
N SER A 50 4.86 18.62 -3.24
CA SER A 50 4.95 19.09 -1.87
C SER A 50 3.59 19.54 -1.34
N VAL A 51 2.54 19.53 -2.15
CA VAL A 51 1.24 20.07 -1.75
C VAL A 51 0.72 19.32 -0.54
N ARG A 52 0.21 20.07 0.44
CA ARG A 52 -0.34 19.52 1.70
C ARG A 52 0.69 18.69 2.45
N GLY A 53 1.97 18.90 2.17
CA GLY A 53 3.03 18.10 2.78
C GLY A 53 3.10 16.67 2.31
N MET A 54 2.34 16.30 1.27
CA MET A 54 2.27 14.91 0.82
C MET A 54 3.40 14.65 -0.18
N LEU A 55 4.59 14.46 0.38
CA LEU A 55 5.81 14.43 -0.40
C LEU A 55 5.78 13.29 -1.41
N GLY A 56 6.21 13.58 -2.62
CA GLY A 56 6.37 12.57 -3.65
C GLY A 56 7.65 12.81 -4.41
N PHE A 57 8.22 11.72 -4.93
CA PHE A 57 9.55 11.72 -5.53
C PHE A 57 9.57 10.78 -6.73
N THR A 58 10.43 11.10 -7.71
CA THR A 58 10.61 10.25 -8.87
C THR A 58 12.10 10.06 -9.10
N GLY A 59 12.51 8.82 -9.36
CA GLY A 59 13.88 8.50 -9.67
C GLY A 59 13.95 7.16 -10.35
N THR A 60 14.92 6.34 -9.98
CA THR A 60 15.09 5.00 -10.52
C THR A 60 15.48 4.06 -9.39
N TYR A 61 15.10 2.79 -9.53
CA TYR A 61 15.62 1.73 -8.69
C TYR A 61 16.28 0.71 -9.60
N LYS A 62 17.57 0.48 -9.40
CA LYS A 62 18.38 -0.36 -10.27
C LYS A 62 18.15 -0.01 -11.75
N GLY A 63 18.05 1.28 -12.03
CA GLY A 63 17.97 1.79 -13.37
C GLY A 63 16.57 1.95 -13.93
N LYS A 64 15.56 1.35 -13.28
CA LYS A 64 14.19 1.37 -13.80
C LYS A 64 13.42 2.53 -13.18
N PRO A 65 12.69 3.33 -13.96
CA PRO A 65 11.94 4.45 -13.38
C PRO A 65 11.00 3.99 -12.28
N LEU A 66 10.99 4.75 -11.18
CA LEU A 66 10.14 4.44 -10.03
C LEU A 66 9.88 5.71 -9.25
N SER A 67 8.63 5.90 -8.85
CA SER A 67 8.24 7.00 -7.99
C SER A 67 7.79 6.47 -6.63
N VAL A 68 7.80 7.35 -5.65
CA VAL A 68 7.30 7.03 -4.32
C VAL A 68 6.60 8.25 -3.76
N MET A 69 5.41 8.05 -3.19
CA MET A 69 4.71 9.20 -2.63
CA MET A 69 4.68 9.19 -2.66
C MET A 69 3.83 8.78 -1.48
N GLY A 70 3.60 9.72 -0.57
CA GLY A 70 2.66 9.47 0.52
C GLY A 70 1.23 9.47 0.04
N HIS A 71 0.34 8.76 0.77
CA HIS A 71 -1.09 8.74 0.45
C HIS A 71 -1.99 9.19 1.59
N GLY A 72 -1.45 9.51 2.77
CA GLY A 72 -2.30 9.92 3.89
C GLY A 72 -3.02 8.73 4.48
N MET A 73 -3.93 9.00 5.40
CA MET A 73 -4.61 7.94 6.13
C MET A 73 -6.07 7.86 5.71
N GLY A 74 -6.50 6.67 5.30
CA GLY A 74 -7.89 6.34 5.05
C GLY A 74 -8.20 6.25 3.57
N ILE A 75 -9.31 5.56 3.29
CA ILE A 75 -9.76 5.36 1.92
C ILE A 75 -9.97 6.67 1.16
N PRO A 76 -10.63 7.69 1.72
CA PRO A 76 -10.85 8.92 0.94
C PRO A 76 -9.55 9.58 0.51
N SER A 77 -8.53 9.53 1.37
CA SER A 77 -7.24 10.15 1.06
C SER A 77 -6.51 9.39 -0.04
N ILE A 78 -6.33 8.08 0.11
CA ILE A 78 -5.67 7.34 -0.95
C ILE A 78 -6.45 7.43 -2.25
N SER A 79 -7.79 7.50 -2.18
CA SER A 79 -8.57 7.55 -3.42
C SER A 79 -8.24 8.80 -4.24
N ILE A 80 -8.14 9.95 -3.57
CA ILE A 80 -7.72 11.18 -4.26
C ILE A 80 -6.39 10.98 -4.96
N TYR A 81 -5.37 10.57 -4.21
CA TYR A 81 -4.03 10.54 -4.78
C TYR A 81 -3.92 9.49 -5.87
N ALA A 82 -4.51 8.31 -5.66
CA ALA A 82 -4.38 7.22 -6.64
C ALA A 82 -5.20 7.49 -7.89
N GLU A 83 -6.42 8.03 -7.73
CA GLU A 83 -7.19 8.42 -8.89
C GLU A 83 -6.38 9.36 -9.77
N GLU A 84 -5.76 10.37 -9.16
CA GLU A 84 -4.96 11.32 -9.94
C GLU A 84 -3.77 10.66 -10.59
N LEU A 85 -3.09 9.76 -9.87
CA LEU A 85 -1.91 9.11 -10.46
C LEU A 85 -2.29 8.29 -11.68
N TYR A 86 -3.38 7.50 -11.59
CA TYR A 86 -3.76 6.68 -12.72
C TYR A 86 -4.33 7.54 -13.85
N ASN A 87 -5.07 8.58 -13.52
CA ASN A 87 -5.79 9.36 -14.52
C ASN A 87 -4.90 10.43 -15.16
N VAL A 88 -4.42 11.36 -14.35
CA VAL A 88 -3.67 12.50 -14.86
C VAL A 88 -2.22 12.11 -15.15
N TYR A 89 -1.62 11.32 -14.28
CA TYR A 89 -0.19 11.02 -14.42
C TYR A 89 0.09 9.73 -15.18
N LYS A 90 -0.95 9.01 -15.61
CA LYS A 90 -0.82 7.88 -16.52
C LYS A 90 -0.01 6.72 -15.91
N VAL A 91 -0.04 6.64 -14.59
CA VAL A 91 0.61 5.54 -13.89
C VAL A 91 -0.07 4.21 -14.23
N LYS A 92 0.74 3.14 -14.30
CA LYS A 92 0.25 1.81 -14.64
C LYS A 92 0.21 0.85 -13.47
N THR A 93 1.07 1.01 -12.48
CA THR A 93 1.18 0.08 -11.36
C THR A 93 1.44 0.86 -10.09
N ILE A 94 0.63 0.62 -9.07
CA ILE A 94 0.86 1.16 -7.73
C ILE A 94 0.95 0.00 -6.74
N ILE A 95 2.00 -0.01 -5.94
CA ILE A 95 2.12 -0.93 -4.82
C ILE A 95 2.08 -0.11 -3.55
N ARG A 96 1.08 -0.38 -2.71
CA ARG A 96 1.01 0.23 -1.40
C ARG A 96 1.95 -0.53 -0.47
N VAL A 97 2.78 0.21 0.25
CA VAL A 97 3.72 -0.35 1.22
C VAL A 97 3.35 0.27 2.55
N GLY A 98 3.05 -0.57 3.53
CA GLY A 98 2.47 -0.02 4.73
C GLY A 98 2.68 -0.87 5.95
N THR A 99 1.96 -0.52 7.00
CA THR A 99 1.98 -1.25 8.26
C THR A 99 0.53 -1.65 8.54
N CYS A 100 0.38 -2.64 9.41
CA CYS A 100 -0.95 -3.14 9.73
C CYS A 100 -0.94 -3.76 11.12
N GLY A 101 -2.15 -3.99 11.63
CA GLY A 101 -2.34 -4.87 12.76
C GLY A 101 -2.78 -6.24 12.28
N THR A 102 -2.80 -7.19 13.21
CA THR A 102 -3.34 -8.50 12.87
C THR A 102 -4.17 -9.03 14.03
N VAL A 103 -5.19 -9.81 13.70
CA VAL A 103 -5.94 -10.59 14.68
C VAL A 103 -5.75 -12.09 14.49
N ASP A 104 -5.06 -12.50 13.43
CA ASP A 104 -5.03 -13.93 13.14
C ASP A 104 -4.13 -14.64 14.14
N PRO A 105 -4.56 -15.80 14.67
CA PRO A 105 -3.76 -16.45 15.71
C PRO A 105 -2.40 -16.93 15.23
N ASN A 106 -2.22 -17.13 13.92
CA ASN A 106 -0.97 -17.63 13.37
C ASN A 106 -0.15 -16.57 12.64
N VAL A 107 -0.55 -15.30 12.74
CA VAL A 107 0.23 -14.20 12.22
C VAL A 107 0.84 -13.46 13.41
N HIS A 108 2.09 -13.02 13.25
CA HIS A 108 2.86 -12.47 14.36
C HIS A 108 3.42 -11.11 13.99
N VAL A 109 3.62 -10.29 15.04
CA VAL A 109 4.31 -9.02 14.88
C VAL A 109 5.60 -9.24 14.11
N ARG A 110 5.89 -8.32 13.19
CA ARG A 110 7.03 -8.27 12.27
C ARG A 110 6.82 -9.12 11.01
N ASP A 111 5.73 -9.87 10.91
CA ASP A 111 5.46 -10.63 9.70
C ASP A 111 5.21 -9.69 8.53
N VAL A 112 5.58 -10.12 7.34
CA VAL A 112 5.29 -9.42 6.10
C VAL A 112 4.07 -10.07 5.47
N CYS A 113 3.07 -9.25 5.15
CA CYS A 113 1.80 -9.72 4.61
C CYS A 113 1.63 -9.17 3.21
N ILE A 114 1.37 -10.07 2.27
CA ILE A 114 1.07 -9.71 0.89
C ILE A 114 -0.42 -9.88 0.68
N VAL A 115 -1.09 -8.82 0.26
CA VAL A 115 -2.55 -8.74 0.26
C VAL A 115 -3.11 -9.20 -1.08
N THR A 116 -4.00 -10.19 -1.04
CA THR A 116 -4.67 -10.63 -2.26
C THR A 116 -5.98 -9.89 -2.50
N ALA A 117 -6.69 -9.49 -1.45
CA ALA A 117 -7.92 -8.73 -1.55
C ALA A 117 -8.15 -8.10 -0.19
N SER A 118 -9.00 -7.07 -0.14
CA SER A 118 -9.27 -6.37 1.11
CA SER A 118 -9.27 -6.37 1.11
C SER A 118 -10.76 -6.11 1.28
N GLY A 119 -11.28 -6.46 2.45
CA GLY A 119 -12.62 -6.09 2.81
C GLY A 119 -12.63 -4.68 3.38
N THR A 120 -13.82 -4.21 3.73
CA THR A 120 -13.93 -2.84 4.24
C THR A 120 -15.28 -2.61 4.88
N ASP A 121 -15.33 -1.59 5.73
CA ASP A 121 -16.59 -1.06 6.26
C ASP A 121 -17.00 0.23 5.57
N SER A 122 -16.30 0.61 4.50
CA SER A 122 -16.59 1.77 3.68
C SER A 122 -17.72 1.44 2.71
N ASN A 123 -18.40 2.48 2.22
CA ASN A 123 -19.39 2.33 1.16
C ASN A 123 -18.85 2.55 -0.24
N VAL A 124 -17.56 2.86 -0.41
CA VAL A 124 -17.13 3.35 -1.70
C VAL A 124 -17.26 2.30 -2.80
N ASN A 125 -17.17 1.01 -2.45
CA ASN A 125 -17.23 -0.02 -3.48
C ASN A 125 -18.65 -0.45 -3.79
N ARG A 126 -19.54 -0.41 -2.79
CA ARG A 126 -20.95 -0.57 -3.08
C ARG A 126 -21.42 0.51 -4.06
N MET A 127 -20.93 1.75 -3.91
CA MET A 127 -21.37 2.80 -4.81
CA MET A 127 -21.31 2.83 -4.80
C MET A 127 -20.90 2.58 -6.24
N ARG A 128 -19.86 1.77 -6.46
CA ARG A 128 -19.36 1.47 -7.79
C ARG A 128 -20.09 0.32 -8.46
N LEU A 129 -20.79 -0.54 -7.70
CA LEU A 129 -21.37 -1.76 -8.27
C LEU A 129 -22.82 -1.91 -7.86
N LEU A 130 -23.58 -0.83 -7.99
CA LEU A 130 -25.03 -0.88 -7.87
C LEU A 130 -25.48 -1.40 -6.50
N GLY A 131 -24.67 -1.15 -5.49
CA GLY A 131 -24.98 -1.53 -4.12
C GLY A 131 -24.53 -2.91 -3.73
N HIS A 132 -23.92 -3.66 -4.63
CA HIS A 132 -23.59 -5.05 -4.39
C HIS A 132 -22.19 -5.18 -3.80
N ASP A 133 -21.72 -6.42 -3.63
CA ASP A 133 -20.39 -6.73 -3.10
C ASP A 133 -19.39 -6.73 -4.25
N PHE A 134 -18.46 -5.80 -4.20
CA PHE A 134 -17.39 -5.64 -5.15
C PHE A 134 -16.09 -5.95 -4.41
N PRO A 135 -15.42 -7.07 -4.68
CA PRO A 135 -14.19 -7.36 -3.93
C PRO A 135 -13.05 -6.48 -4.42
N ALA A 136 -12.44 -5.76 -3.48
CA ALA A 136 -11.23 -5.02 -3.77
C ALA A 136 -10.10 -6.04 -3.89
N THR A 137 -9.63 -6.28 -5.11
CA THR A 137 -8.76 -7.41 -5.43
C THR A 137 -7.45 -6.91 -6.04
N ALA A 138 -6.35 -7.39 -5.50
CA ALA A 138 -5.05 -7.06 -6.05
C ALA A 138 -4.84 -7.76 -7.39
N ASN A 139 -4.05 -7.12 -8.24
CA ASN A 139 -3.71 -7.71 -9.52
C ASN A 139 -2.79 -8.91 -9.32
N PHE A 140 -3.08 -10.00 -10.02
CA PHE A 140 -2.36 -11.24 -9.77
C PHE A 140 -0.87 -11.11 -10.11
N GLU A 141 -0.53 -10.41 -11.20
CA GLU A 141 0.88 -10.25 -11.54
C GLU A 141 1.63 -9.49 -10.45
N VAL A 142 0.96 -8.52 -9.81
CA VAL A 142 1.59 -7.78 -8.72
C VAL A 142 1.78 -8.68 -7.51
N VAL A 143 0.73 -9.43 -7.13
CA VAL A 143 0.86 -10.34 -6.00
C VAL A 143 2.00 -11.32 -6.24
N SER A 144 2.03 -11.90 -7.44
CA SER A 144 3.05 -12.90 -7.76
CA SER A 144 3.05 -12.90 -7.76
C SER A 144 4.45 -12.30 -7.74
N ALA A 145 4.59 -11.08 -8.26
CA ALA A 145 5.90 -10.43 -8.23
C ALA A 145 6.38 -10.24 -6.79
N LEU A 146 5.48 -9.85 -5.88
CA LEU A 146 5.84 -9.70 -4.48
C LEU A 146 6.20 -11.04 -3.86
N VAL A 147 5.41 -12.07 -4.12
CA VAL A 147 5.69 -13.39 -3.55
C VAL A 147 7.03 -13.90 -4.04
N GLU A 148 7.28 -13.80 -5.34
CA GLU A 148 8.52 -14.31 -5.91
C GLU A 148 9.72 -13.51 -5.43
N SER A 149 9.56 -12.20 -5.27
CA SER A 149 10.68 -11.40 -4.77
CA SER A 149 10.67 -11.39 -4.78
C SER A 149 11.05 -11.79 -3.35
N ALA A 150 10.03 -12.01 -2.50
CA ALA A 150 10.32 -12.42 -1.13
C ALA A 150 11.01 -13.79 -1.10
N LYS A 151 10.56 -14.71 -1.95
CA LYS A 151 11.22 -16.01 -2.03
C LYS A 151 12.69 -15.89 -2.40
N ALA A 152 13.00 -15.05 -3.39
CA ALA A 152 14.38 -14.88 -3.81
C ALA A 152 15.22 -14.27 -2.70
N LEU A 153 14.62 -13.43 -1.87
CA LEU A 153 15.30 -12.79 -0.75
C LEU A 153 15.27 -13.65 0.51
N ASN A 154 14.64 -14.82 0.46
CA ASN A 154 14.53 -15.71 1.61
CA ASN A 154 14.53 -15.72 1.62
C ASN A 154 13.85 -15.02 2.80
N ILE A 155 12.81 -14.25 2.52
CA ILE A 155 12.00 -13.56 3.53
C ILE A 155 10.64 -14.24 3.57
N PRO A 156 10.24 -14.84 4.69
CA PRO A 156 8.91 -15.45 4.75
C PRO A 156 7.79 -14.41 4.64
N THR A 157 6.66 -14.84 4.07
CA THR A 157 5.50 -13.97 3.92
C THR A 157 4.22 -14.73 4.22
N GLN A 158 3.25 -14.00 4.73
CA GLN A 158 1.85 -14.40 4.80
C GLN A 158 1.14 -13.80 3.60
N VAL A 159 0.27 -14.57 2.96
CA VAL A 159 -0.44 -14.13 1.76
C VAL A 159 -1.93 -14.31 2.02
N GLY A 160 -2.71 -13.25 1.90
CA GLY A 160 -4.14 -13.39 2.16
C GLY A 160 -4.85 -12.04 2.25
N LYS A 161 -6.03 -12.08 2.89
CA LYS A 161 -6.94 -10.95 2.91
C LYS A 161 -6.55 -9.89 3.93
N ALA A 162 -6.72 -8.63 3.54
CA ALA A 162 -6.71 -7.50 4.46
C ALA A 162 -8.13 -7.03 4.75
N TYR A 163 -8.25 -6.17 5.76
CA TYR A 163 -9.50 -5.46 6.06
C TYR A 163 -9.12 -4.00 6.22
N SER A 164 -9.70 -3.15 5.38
CA SER A 164 -9.49 -1.71 5.38
C SER A 164 -10.66 -1.05 6.10
N THR A 165 -10.40 -0.52 7.30
CA THR A 165 -11.43 0.16 8.08
C THR A 165 -11.32 1.67 7.97
N ASP A 166 -12.49 2.32 8.03
CA ASP A 166 -12.61 3.77 8.16
C ASP A 166 -12.31 4.25 9.58
N ILE A 167 -12.29 3.35 10.56
CA ILE A 167 -12.27 3.71 11.98
C ILE A 167 -11.07 3.06 12.65
N PHE A 168 -10.01 3.82 12.84
CA PHE A 168 -8.86 3.32 13.58
C PHE A 168 -9.23 2.93 15.00
N TYR A 169 -9.98 3.80 15.69
CA TYR A 169 -10.36 3.59 17.09
C TYR A 169 -11.69 2.85 17.15
N SER A 170 -11.63 1.56 16.85
CA SER A 170 -12.83 0.74 16.78
C SER A 170 -13.50 0.60 18.13
N LYS A 171 -14.82 0.65 18.12
CA LYS A 171 -15.63 0.33 19.30
C LYS A 171 -16.59 -0.82 18.99
N GLU A 172 -16.26 -1.62 18.00
CA GLU A 172 -17.22 -2.55 17.39
C GLU A 172 -17.08 -3.95 17.97
N GLN A 173 -18.04 -4.33 18.81
CA GLN A 173 -18.06 -5.65 19.40
C GLN A 173 -18.15 -6.72 18.32
N GLY A 174 -17.30 -7.74 18.43
CA GLY A 174 -17.39 -8.89 17.55
C GLY A 174 -16.61 -8.78 16.27
N LEU A 175 -16.08 -7.59 15.94
CA LEU A 175 -15.34 -7.45 14.67
C LEU A 175 -14.08 -8.30 14.67
N ASN A 176 -13.27 -8.21 15.73
CA ASN A 176 -12.00 -8.93 15.73
C ASN A 176 -12.23 -10.43 15.67
N GLU A 177 -13.27 -10.91 16.34
CA GLU A 177 -13.58 -12.34 16.32
C GLU A 177 -13.96 -12.82 14.93
N ALA A 178 -14.74 -12.02 14.20
CA ALA A 178 -15.11 -12.38 12.84
C ALA A 178 -13.91 -12.33 11.91
N LEU A 179 -13.10 -11.27 12.02
CA LEU A 179 -11.90 -11.20 11.19
C LEU A 179 -10.99 -12.41 11.41
N ALA A 180 -10.84 -12.85 12.65
CA ALA A 180 -10.01 -14.00 12.95
C ALA A 180 -10.64 -15.29 12.43
N GLN A 181 -11.96 -15.41 12.57
CA GLN A 181 -12.65 -16.62 12.13
C GLN A 181 -12.41 -16.89 10.66
N TYR A 182 -12.34 -15.84 9.85
CA TYR A 182 -12.18 -15.99 8.41
C TYR A 182 -10.75 -15.72 7.95
N HIS A 183 -9.82 -15.62 8.89
CA HIS A 183 -8.38 -15.57 8.59
C HIS A 183 -7.99 -14.35 7.76
N PHE A 184 -8.57 -13.20 8.10
CA PHE A 184 -8.00 -11.94 7.64
C PHE A 184 -6.65 -11.75 8.32
N ILE A 185 -5.61 -11.50 7.54
CA ILE A 185 -4.26 -11.44 8.07
C ILE A 185 -3.79 -10.02 8.42
N ALA A 186 -4.40 -8.99 7.84
CA ALA A 186 -3.95 -7.62 8.02
C ALA A 186 -5.13 -6.68 8.22
N VAL A 187 -4.99 -5.77 9.18
CA VAL A 187 -5.96 -4.70 9.42
C VAL A 187 -5.26 -3.38 9.14
N GLU A 188 -5.79 -2.63 8.18
CA GLU A 188 -5.23 -1.34 7.78
C GLU A 188 -6.39 -0.44 7.37
N MET A 189 -6.12 0.61 6.57
CA MET A 189 -7.16 1.60 6.30
C MET A 189 -7.25 2.06 4.85
N GLU A 190 -6.54 1.42 3.91
CA GLU A 190 -6.43 2.01 2.57
C GLU A 190 -6.58 1.06 1.40
N SER A 191 -6.15 -0.20 1.49
CA SER A 191 -6.05 -1.00 0.27
CA SER A 191 -6.06 -1.05 0.30
C SER A 191 -7.40 -1.21 -0.41
N ALA A 192 -8.50 -1.29 0.35
CA ALA A 192 -9.79 -1.53 -0.29
C ALA A 192 -10.22 -0.36 -1.17
N GLY A 193 -9.65 0.82 -0.95
CA GLY A 193 -9.93 1.96 -1.83
C GLY A 193 -9.06 2.00 -3.06
N LEU A 194 -7.86 1.43 -2.99
CA LEU A 194 -6.91 1.48 -4.09
C LEU A 194 -7.30 0.53 -5.22
N PHE A 195 -7.61 -0.72 -4.88
CA PHE A 195 -7.75 -1.74 -5.91
C PHE A 195 -8.87 -1.44 -6.91
N PRO A 196 -10.04 -0.98 -6.51
CA PRO A 196 -11.08 -0.69 -7.52
C PRO A 196 -10.76 0.48 -8.42
N ILE A 197 -9.98 1.45 -7.95
CA ILE A 197 -9.55 2.56 -8.80
C ILE A 197 -8.62 2.05 -9.89
N ALA A 198 -7.68 1.17 -9.52
CA ALA A 198 -6.84 0.54 -10.54
C ALA A 198 -7.71 -0.18 -11.57
N ASP A 199 -8.74 -0.91 -11.11
CA ASP A 199 -9.63 -1.59 -12.05
C ASP A 199 -10.26 -0.60 -13.02
N TYR A 200 -10.77 0.53 -12.50
CA TYR A 200 -11.46 1.50 -13.34
C TYR A 200 -10.57 1.95 -14.49
N TYR A 201 -9.28 2.12 -14.23
CA TYR A 201 -8.33 2.62 -15.22
C TYR A 201 -7.64 1.51 -16.01
N GLY A 202 -8.04 0.26 -15.83
CA GLY A 202 -7.39 -0.83 -16.54
C GLY A 202 -5.95 -1.00 -16.14
N ALA A 203 -5.63 -0.65 -14.90
CA ALA A 203 -4.27 -0.61 -14.40
C ALA A 203 -4.12 -1.64 -13.28
N ARG A 204 -2.98 -1.60 -12.59
CA ARG A 204 -2.60 -2.65 -11.66
C ARG A 204 -2.28 -2.07 -10.29
N ALA A 205 -2.61 -2.82 -9.25
CA ALA A 205 -2.30 -2.43 -7.89
C ALA A 205 -2.08 -3.64 -7.02
N GLY A 206 -1.30 -3.45 -5.96
CA GLY A 206 -1.15 -4.46 -4.92
C GLY A 206 -0.78 -3.78 -3.62
N CYS A 207 -0.56 -4.59 -2.59
CA CYS A 207 -0.26 -4.06 -1.27
C CYS A 207 0.60 -5.08 -0.52
N ILE A 208 1.59 -4.57 0.19
CA ILE A 208 2.40 -5.36 1.11
C ILE A 208 2.53 -4.55 2.38
N CYS A 209 2.42 -5.21 3.54
CA CYS A 209 2.43 -4.52 4.83
CA CYS A 209 2.53 -4.47 4.80
C CYS A 209 3.20 -5.36 5.84
N THR A 210 3.72 -4.71 6.87
CA THR A 210 4.32 -5.40 8.00
C THR A 210 3.48 -5.21 9.26
N VAL A 211 3.41 -6.27 10.06
CA VAL A 211 2.59 -6.29 11.26
C VAL A 211 3.30 -5.50 12.36
N SER A 212 2.71 -4.38 12.76
CA SER A 212 3.21 -3.59 13.87
C SER A 212 2.67 -4.04 15.22
N ASP A 213 1.44 -4.56 15.24
CA ASP A 213 0.77 -4.85 16.50
C ASP A 213 -0.12 -6.07 16.32
N HIS A 214 -0.17 -6.93 17.34
CA HIS A 214 -1.19 -7.96 17.41
C HIS A 214 -2.35 -7.43 18.24
N ILE A 215 -3.50 -7.30 17.60
CA ILE A 215 -4.66 -6.67 18.23
C ILE A 215 -5.21 -7.54 19.37
N ILE A 216 -5.06 -8.85 19.28
CA ILE A 216 -5.60 -9.75 20.31
C ILE A 216 -4.64 -9.91 21.48
N THR A 217 -3.39 -10.29 21.19
CA THR A 217 -2.41 -10.58 22.23
C THR A 217 -1.75 -9.33 22.80
N HIS A 218 -1.86 -8.19 22.14
CA HIS A 218 -1.31 -6.91 22.56
C HIS A 218 0.20 -6.79 22.25
N GLU A 219 0.82 -7.77 21.61
CA GLU A 219 2.22 -7.65 21.25
C GLU A 219 2.42 -6.47 20.30
N SER A 220 3.58 -5.83 20.41
CA SER A 220 3.84 -4.63 19.64
C SER A 220 5.31 -4.56 19.29
N ALA A 221 5.61 -4.23 18.03
CA ALA A 221 6.99 -4.14 17.60
C ALA A 221 7.63 -2.87 18.14
N THR A 222 8.90 -2.98 18.56
CA THR A 222 9.64 -1.82 19.03
C THR A 222 10.03 -0.97 17.84
N PRO A 223 10.50 0.25 18.08
CA PRO A 223 10.95 1.09 16.95
C PRO A 223 11.99 0.41 16.07
N GLU A 224 12.98 -0.23 16.69
CA GLU A 224 14.02 -0.91 15.92
C GLU A 224 13.46 -2.08 15.13
N GLU A 225 12.53 -2.82 15.74
CA GLU A 225 11.89 -3.94 15.04
C GLU A 225 11.08 -3.46 13.85
N ARG A 226 10.39 -2.32 14.01
CA ARG A 226 9.66 -1.75 12.88
C ARG A 226 10.59 -1.32 11.76
N GLN A 227 11.77 -0.82 12.10
CA GLN A 227 12.73 -0.46 11.06
C GLN A 227 13.21 -1.69 10.31
N THR A 228 13.51 -2.77 11.04
CA THR A 228 13.95 -4.00 10.39
C THR A 228 12.83 -4.59 9.53
N SER A 229 11.60 -4.59 10.03
CA SER A 229 10.51 -5.10 9.20
CA SER A 229 10.48 -5.08 9.23
C SER A 229 10.32 -4.24 7.96
N PHE A 230 10.43 -2.92 8.11
CA PHE A 230 10.34 -2.04 6.95
C PHE A 230 11.43 -2.34 5.94
N GLN A 231 12.67 -2.55 6.39
CA GLN A 231 13.75 -2.87 5.48
C GLN A 231 13.45 -4.13 4.68
N ASN A 232 12.90 -5.15 5.32
CA ASN A 232 12.56 -6.37 4.60
C ASN A 232 11.45 -6.11 3.59
N MET A 233 10.38 -5.43 4.03
CA MET A 233 9.24 -5.20 3.16
CA MET A 233 9.25 -5.23 3.15
C MET A 233 9.62 -4.32 1.97
N ILE A 234 10.39 -3.26 2.21
CA ILE A 234 10.67 -2.34 1.12
C ILE A 234 11.56 -3.02 0.08
N LYS A 235 12.48 -3.87 0.52
CA LYS A 235 13.33 -4.57 -0.43
C LYS A 235 12.49 -5.51 -1.30
N ILE A 236 11.52 -6.20 -0.69
CA ILE A 236 10.60 -7.04 -1.47
C ILE A 236 9.87 -6.20 -2.50
N ALA A 237 9.32 -5.06 -2.09
CA ALA A 237 8.54 -4.23 -3.00
C ALA A 237 9.40 -3.71 -4.15
N LEU A 238 10.58 -3.19 -3.81
CA LEU A 238 11.48 -2.64 -4.84
C LEU A 238 11.89 -3.71 -5.85
N GLU A 239 12.26 -4.89 -5.36
CA GLU A 239 12.63 -5.94 -6.28
C GLU A 239 11.45 -6.36 -7.15
N ALA A 240 10.24 -6.34 -6.58
CA ALA A 240 9.05 -6.66 -7.36
C ALA A 240 8.82 -5.67 -8.48
N THR A 241 9.17 -4.38 -8.27
CA THR A 241 8.93 -3.41 -9.33
C THR A 241 9.72 -3.75 -10.59
N LEU A 242 10.87 -4.44 -10.45
CA LEU A 242 11.67 -4.79 -11.61
C LEU A 242 10.97 -5.81 -12.50
N LYS A 243 9.96 -6.50 -11.98
CA LYS A 243 9.22 -7.50 -12.74
C LYS A 243 7.87 -6.97 -13.21
N LEU A 244 7.62 -5.67 -13.05
CA LEU A 244 6.31 -5.08 -13.31
C LEU A 244 6.39 -3.83 -14.20
N GLY B . -0.58 4.94 6.99
CA GLY B . 0.53 4.32 6.31
C GLY B . 0.97 3.00 6.91
O GLY B . 1.85 2.97 7.77
OXT GLY B . 0.44 1.95 6.53
N GLY C . -6.72 -4.02 -11.47
CA GLY C . -5.63 -3.86 -10.53
C GLY C . -5.99 -4.01 -9.07
O GLY C . -7.02 -3.52 -8.60
OXT GLY C . -5.26 -4.61 -8.29
CL CL D . 3.82 4.70 6.17
O5' ADN E . -1.91 4.32 12.13
C5' ADN E . -2.90 4.12 11.13
C4' ADN E . -2.30 3.97 9.76
O4' ADN E . -1.35 2.88 9.75
C3' ADN E . -3.29 3.68 8.65
O3' ADN E . -2.99 4.46 7.49
C2' ADN E . -3.16 2.17 8.36
O2' ADN E . -2.95 1.88 6.99
C1' ADN E . -1.96 1.72 9.23
N9 ADN E . -2.32 0.83 10.35
C8 ADN E . -1.42 0.12 11.11
N7 ADN E . -1.96 -0.57 12.06
C5 ADN E . -3.30 -0.34 11.95
C6 ADN E . -4.40 -0.82 12.68
N6 ADN E . -4.27 -1.66 13.71
N1 ADN E . -5.63 -0.40 12.34
C2 ADN E . -5.75 0.43 11.30
N3 ADN E . -4.79 0.94 10.55
C4 ADN E . -3.56 0.53 10.90
#